data_7FPF
#
_entry.id   7FPF
#
_cell.length_a   87.459
_cell.length_b   82.034
_cell.length_c   93.528
_cell.angle_alpha   90
_cell.angle_beta   108.22
_cell.angle_gamma   90
#
_symmetry.space_group_name_H-M   'C 1 2 1'
#
loop_
_entity.id
_entity.type
_entity.pdbx_description
1 polymer 'Pre-mRNA-splicing factor 8'
2 polymer 'A1 cistron-splicing factor AAR2'
3 non-polymer 'methyl N-(3-hydroxybenzoyl)-N-methylglycinate'
4 water water
#
loop_
_entity_poly.entity_id
_entity_poly.type
_entity_poly.pdbx_seq_one_letter_code
_entity_poly.pdbx_strand_id
1 'polypeptide(L)'
;GAMNSSNYAELFNNDIKLFVDDTNVYRVTVHKTFEGNVATKAINGCIFTLNPKTGHLFLKIIHTSVWAGQKRLSQLAKWK
TAEEVSALVRSLPKEEQPKQIIVTRKAMLDPLEVHMLDFPNIAIRPTELRLPFSAAMSIDKLSDVVMKATEPQMVLFNIY
DDWLDRISSYTAFSRLTLLLRALKTNEESAKMILLSDPTITIKSYHLWPSFTDEQWITIESQMRDLILTEYGRKYNVNIS
ALTQTEIKDIILGQNIKA
;
A
2 'polypeptide(L)'
;GAMAMNTVPFTSAPIEVTIGIDQYSFNVKENQPFHGIKDIPIGHVHVIHFQHADNSSMRYGYWFDCRMGNFYIQYDPKDG
LYKMMEERDGAKFENIVHNFKERQMMVSYPKIDEDDTWYNLTEFVQMDKIRKIVRKDENQFSYVDSSMTTVQENELSSSS
SDPAHSLNYTVINFKSREAIRPGHEMEDFLDKSYYLNTVMLQGIFKNSSNYFGELQFAFLNAMFFGNYGSSLQWHAMIEL
ICSSATVPKHMLDKLDEILYYQIKTLPEQYSDILLNERVWNICLYSSFQKNSLHNTEKIMENKYPELL
;
B
#
loop_
_chem_comp.id
_chem_comp.type
_chem_comp.name
_chem_comp.formula
VEC non-polymer 'methyl N-(3-hydroxybenzoyl)-N-methylglycinate' 'C11 H13 N O4'
#
# COMPACT_ATOMS: atom_id res chain seq x y z
N GLY A 1 -9.21 13.00 -2.17
CA GLY A 1 -10.40 12.17 -2.00
C GLY A 1 -11.17 11.99 -3.30
N ALA A 2 -12.25 11.22 -3.25
CA ALA A 2 -12.93 10.84 -4.48
C ALA A 2 -13.87 11.93 -4.96
N MET A 3 -14.06 11.99 -6.28
CA MET A 3 -14.84 13.06 -6.88
C MET A 3 -16.26 12.55 -7.10
N ASN A 4 -17.26 13.31 -6.67
CA ASN A 4 -18.63 12.80 -6.76
C ASN A 4 -19.60 13.97 -6.92
N SER A 5 -20.89 13.65 -6.85
CA SER A 5 -21.91 14.69 -7.01
C SER A 5 -21.75 15.81 -5.98
N SER A 6 -21.23 15.49 -4.80
CA SER A 6 -21.11 16.50 -3.74
C SER A 6 -20.14 17.60 -4.12
N ASN A 7 -18.97 17.24 -4.67
CA ASN A 7 -17.91 18.18 -4.97
C ASN A 7 -17.79 18.44 -6.47
N TYR A 8 -18.93 18.34 -7.17
CA TYR A 8 -18.95 18.43 -8.63
C TYR A 8 -18.52 19.80 -9.14
N ALA A 9 -18.79 20.87 -8.40
CA ALA A 9 -18.42 22.19 -8.90
C ALA A 9 -16.92 22.44 -8.84
N GLU A 10 -16.18 21.63 -8.09
CA GLU A 10 -14.73 21.80 -8.00
C GLU A 10 -14.08 21.63 -9.39
N LEU A 11 -14.74 20.89 -10.27
CA LEU A 11 -14.24 20.70 -11.64
C LEU A 11 -14.03 22.01 -12.38
N PHE A 12 -14.79 23.04 -12.06
CA PHE A 12 -14.84 24.26 -12.84
C PHE A 12 -14.23 25.44 -12.11
N ASN A 13 -13.49 25.18 -11.04
CA ASN A 13 -12.74 26.23 -10.35
C ASN A 13 -11.44 26.48 -11.11
N ASN A 14 -10.57 27.32 -10.55
CA ASN A 14 -9.39 27.75 -11.29
C ASN A 14 -8.11 26.96 -10.98
N ASP A 15 -8.22 25.83 -10.28
CA ASP A 15 -7.11 24.91 -10.12
C ASP A 15 -7.09 23.96 -11.33
N ILE A 16 -5.97 23.92 -12.04
CA ILE A 16 -5.91 23.09 -13.24
C ILE A 16 -6.06 21.62 -12.89
N LYS A 17 -6.94 20.92 -13.61
CA LYS A 17 -7.09 19.49 -13.43
C LYS A 17 -7.44 18.80 -14.73
N LEU A 18 -7.11 17.50 -14.77
CA LEU A 18 -7.37 16.64 -15.91
C LEU A 18 -8.10 15.39 -15.48
N PHE A 19 -9.13 15.03 -16.24
CA PHE A 19 -9.65 13.67 -16.26
C PHE A 19 -8.78 12.81 -17.17
N VAL A 20 -8.49 11.59 -16.72
CA VAL A 20 -7.85 10.58 -17.58
C VAL A 20 -8.78 9.38 -17.69
N ASP A 21 -9.18 9.04 -18.91
CA ASP A 21 -9.95 7.83 -19.15
C ASP A 21 -9.14 6.86 -20.01
N ASP A 22 -9.04 5.61 -19.57
CA ASP A 22 -8.26 4.58 -20.24
C ASP A 22 -9.09 3.52 -20.93
N THR A 23 -10.40 3.73 -21.04
N THR A 23 -10.41 3.70 -21.08
CA THR A 23 -11.26 2.68 -21.54
CA THR A 23 -11.25 2.59 -21.55
C THR A 23 -10.80 2.24 -22.92
C THR A 23 -11.12 2.31 -23.04
N ASN A 24 -10.50 3.21 -23.81
CA ASN A 24 -10.24 2.95 -25.21
C ASN A 24 -8.74 2.80 -25.54
N VAL A 25 -7.90 2.50 -24.56
CA VAL A 25 -6.48 2.35 -24.82
C VAL A 25 -6.18 1.02 -25.50
N TYR A 26 -6.62 -0.08 -24.93
CA TYR A 26 -6.43 -1.43 -25.48
C TYR A 26 -7.78 -1.89 -26.04
N ARG A 27 -7.87 -1.94 -27.37
CA ARG A 27 -9.10 -2.27 -28.07
C ARG A 27 -8.85 -3.51 -28.94
N VAL A 28 -9.73 -4.50 -28.82
CA VAL A 28 -9.56 -5.75 -29.56
C VAL A 28 -10.88 -6.16 -30.19
N THR A 29 -10.79 -6.77 -31.37
CA THR A 29 -11.87 -7.56 -31.93
C THR A 29 -11.53 -9.03 -31.71
N VAL A 30 -12.47 -9.78 -31.14
CA VAL A 30 -12.26 -11.19 -30.81
C VAL A 30 -12.84 -12.05 -31.93
N HIS A 31 -12.04 -12.99 -32.46
CA HIS A 31 -12.38 -13.77 -33.64
C HIS A 31 -11.92 -15.21 -33.48
N LYS A 32 -12.22 -16.04 -34.49
CA LYS A 32 -11.91 -17.46 -34.48
C LYS A 32 -10.69 -17.76 -35.34
N THR A 33 -9.81 -18.60 -34.81
CA THR A 33 -8.68 -19.13 -35.58
C THR A 33 -9.11 -20.29 -36.45
N PHE A 34 -8.33 -20.54 -37.51
CA PHE A 34 -8.64 -21.62 -38.43
C PHE A 34 -8.89 -22.92 -37.69
N GLU A 35 -8.18 -23.14 -36.58
CA GLU A 35 -8.35 -24.30 -35.72
C GLU A 35 -9.59 -24.21 -34.85
N GLY A 36 -10.39 -23.15 -35.01
CA GLY A 36 -11.59 -22.97 -34.21
C GLY A 36 -11.35 -22.43 -32.82
N ASN A 37 -10.15 -21.95 -32.52
CA ASN A 37 -9.89 -21.30 -31.25
C ASN A 37 -10.19 -19.82 -31.38
N VAL A 38 -10.14 -19.11 -30.27
CA VAL A 38 -10.45 -17.69 -30.27
C VAL A 38 -9.15 -16.91 -30.12
N ALA A 39 -9.06 -15.81 -30.86
CA ALA A 39 -7.93 -14.92 -30.84
C ALA A 39 -8.43 -13.48 -30.82
N THR A 40 -7.60 -12.59 -30.29
CA THR A 40 -7.84 -11.16 -30.37
C THR A 40 -6.93 -10.55 -31.41
N LYS A 41 -7.45 -9.56 -32.13
CA LYS A 41 -6.65 -8.66 -32.96
C LYS A 41 -6.85 -7.25 -32.45
N ALA A 42 -5.76 -6.58 -32.07
CA ALA A 42 -5.84 -5.23 -31.58
C ALA A 42 -6.11 -4.25 -32.72
N ILE A 43 -6.78 -3.15 -32.39
CA ILE A 43 -6.89 -1.99 -33.26
C ILE A 43 -6.36 -0.78 -32.49
N ASN A 44 -6.16 0.33 -33.19
CA ASN A 44 -5.57 1.49 -32.55
C ASN A 44 -6.49 2.00 -31.45
N GLY A 45 -5.90 2.48 -30.38
CA GLY A 45 -6.63 3.04 -29.25
C GLY A 45 -6.21 4.46 -28.95
N CYS A 46 -6.66 4.98 -27.79
CA CYS A 46 -6.36 6.35 -27.40
C CYS A 46 -6.55 6.51 -25.91
N ILE A 47 -5.72 7.37 -25.31
CA ILE A 47 -5.93 7.91 -23.97
C ILE A 47 -6.75 9.19 -24.11
N PHE A 48 -7.76 9.36 -23.24
CA PHE A 48 -8.69 10.49 -23.29
C PHE A 48 -8.37 11.29 -22.04
N THR A 49 -7.59 12.36 -22.22
CA THR A 49 -7.14 13.24 -21.15
C THR A 49 -7.76 14.60 -21.39
N LEU A 50 -8.60 15.03 -20.44
CA LEU A 50 -9.48 16.17 -20.69
C LEU A 50 -9.43 17.17 -19.54
N ASN A 51 -9.21 18.44 -19.89
CA ASN A 51 -9.38 19.55 -18.96
C ASN A 51 -10.87 19.95 -18.97
N PRO A 52 -11.62 19.68 -17.89
CA PRO A 52 -13.05 19.96 -17.91
C PRO A 52 -13.38 21.42 -17.86
N LYS A 53 -12.46 22.29 -17.44
CA LYS A 53 -12.75 23.71 -17.39
C LYS A 53 -12.62 24.35 -18.75
N THR A 54 -11.56 23.99 -19.50
CA THR A 54 -11.24 24.63 -20.76
C THR A 54 -11.69 23.87 -21.99
N GLY A 55 -11.99 22.59 -21.83
CA GLY A 55 -12.29 21.72 -22.96
C GLY A 55 -11.08 21.17 -23.68
N HIS A 56 -9.88 21.56 -23.30
CA HIS A 56 -8.70 21.08 -24.04
C HIS A 56 -8.58 19.58 -23.85
N LEU A 57 -8.46 18.86 -24.94
CA LEU A 57 -8.41 17.40 -24.96
C LEU A 57 -7.05 17.02 -25.51
N PHE A 58 -6.30 16.23 -24.76
CA PHE A 58 -5.03 15.66 -25.18
C PHE A 58 -5.31 14.21 -25.58
N LEU A 59 -5.47 13.95 -26.88
CA LEU A 59 -5.85 12.61 -27.35
C LEU A 59 -4.58 11.89 -27.76
N LYS A 60 -4.03 11.07 -26.89
CA LYS A 60 -2.82 10.33 -27.21
C LYS A 60 -3.25 9.07 -27.94
N ILE A 61 -2.87 8.95 -29.20
CA ILE A 61 -3.23 7.78 -29.98
C ILE A 61 -2.25 6.63 -29.65
N ILE A 62 -2.81 5.43 -29.43
CA ILE A 62 -2.07 4.26 -29.00
C ILE A 62 -2.08 3.32 -30.18
N HIS A 63 -0.93 3.22 -30.84
CA HIS A 63 -0.84 2.45 -32.06
C HIS A 63 -0.65 0.98 -31.71
N THR A 64 -1.27 0.09 -32.51
CA THR A 64 -1.25 -1.33 -32.17
C THR A 64 0.18 -1.90 -32.05
N SER A 65 1.17 -1.26 -32.67
CA SER A 65 2.55 -1.72 -32.54
C SER A 65 3.02 -1.72 -31.08
N VAL A 66 2.43 -0.89 -30.22
N VAL A 66 2.42 -0.89 -30.23
CA VAL A 66 2.90 -0.86 -28.84
CA VAL A 66 2.77 -0.83 -28.82
C VAL A 66 2.62 -2.17 -28.12
C VAL A 66 2.67 -2.20 -28.18
N TRP A 67 1.72 -3.01 -28.63
CA TRP A 67 1.46 -4.29 -27.96
C TRP A 67 2.26 -5.46 -28.51
N ALA A 68 3.03 -5.26 -29.56
CA ALA A 68 3.69 -6.39 -30.23
C ALA A 68 4.60 -7.13 -29.25
N GLY A 69 4.35 -8.43 -29.09
CA GLY A 69 5.21 -9.27 -28.26
C GLY A 69 5.11 -9.00 -26.79
N GLN A 70 4.10 -8.27 -26.37
CA GLN A 70 3.85 -8.03 -24.96
C GLN A 70 2.83 -9.01 -24.42
N LYS A 71 2.95 -9.30 -23.12
CA LYS A 71 2.02 -10.14 -22.39
C LYS A 71 1.14 -9.31 -21.46
N ARG A 72 0.04 -9.94 -21.05
CA ARG A 72 -0.93 -9.38 -20.10
C ARG A 72 -1.28 -7.95 -20.49
N LEU A 73 -1.82 -7.82 -21.71
CA LEU A 73 -1.98 -6.50 -22.31
C LEU A 73 -2.91 -5.61 -21.51
N SER A 74 -4.02 -6.15 -20.99
CA SER A 74 -4.94 -5.28 -20.24
C SER A 74 -4.25 -4.66 -19.04
N GLN A 75 -3.34 -5.39 -18.40
CA GLN A 75 -2.55 -4.79 -17.33
C GLN A 75 -1.52 -3.81 -17.87
N LEU A 76 -0.82 -4.18 -18.94
CA LEU A 76 0.10 -3.24 -19.57
C LEU A 76 -0.61 -1.95 -19.95
N ALA A 77 -1.84 -2.04 -20.45
CA ALA A 77 -2.53 -0.84 -20.93
C ALA A 77 -2.62 0.21 -19.84
N LYS A 78 -2.88 -0.22 -18.60
CA LYS A 78 -3.00 0.76 -17.54
C LYS A 78 -1.67 1.44 -17.29
N TRP A 79 -0.55 0.66 -17.29
CA TRP A 79 0.79 1.24 -17.09
C TRP A 79 1.25 2.10 -18.27
N LYS A 80 0.98 1.67 -19.50
CA LYS A 80 1.20 2.54 -20.68
C LYS A 80 0.43 3.87 -20.56
N THR A 81 -0.86 3.80 -20.20
CA THR A 81 -1.62 5.01 -19.97
C THR A 81 -0.91 5.92 -18.96
N ALA A 82 -0.49 5.33 -17.83
CA ALA A 82 0.14 6.16 -16.82
C ALA A 82 1.48 6.71 -17.27
N GLU A 83 2.28 5.93 -18.05
CA GLU A 83 3.53 6.43 -18.64
C GLU A 83 3.25 7.63 -19.57
N GLU A 84 2.26 7.50 -20.43
CA GLU A 84 1.92 8.59 -21.36
C GLU A 84 1.36 9.85 -20.67
N VAL A 85 0.54 9.69 -19.62
CA VAL A 85 0.05 10.86 -18.89
C VAL A 85 1.20 11.55 -18.15
N SER A 86 2.10 10.78 -17.54
N SER A 86 2.08 10.77 -17.51
CA SER A 86 3.26 11.38 -16.90
CA SER A 86 3.27 11.35 -16.90
C SER A 86 4.13 12.12 -17.91
C SER A 86 4.14 12.10 -17.90
N ALA A 87 4.32 11.53 -19.10
CA ALA A 87 5.09 12.22 -20.13
C ALA A 87 4.43 13.52 -20.58
N LEU A 88 3.10 13.52 -20.66
CA LEU A 88 2.37 14.74 -21.03
C LEU A 88 2.58 15.82 -19.98
N VAL A 89 2.49 15.46 -18.69
CA VAL A 89 2.70 16.47 -17.66
C VAL A 89 4.11 17.03 -17.77
N ARG A 90 5.11 16.16 -17.87
CA ARG A 90 6.50 16.64 -17.96
C ARG A 90 6.71 17.54 -19.16
N SER A 91 5.93 17.34 -20.22
CA SER A 91 6.01 18.20 -21.40
C SER A 91 5.38 19.58 -21.21
N LEU A 92 4.48 19.74 -20.22
CA LEU A 92 3.82 21.02 -20.10
C LEU A 92 4.70 21.97 -19.30
N PRO A 93 4.67 23.26 -19.59
CA PRO A 93 5.26 24.24 -18.69
C PRO A 93 4.69 24.10 -17.29
N LYS A 94 5.51 24.46 -16.30
CA LYS A 94 5.13 24.33 -14.89
C LYS A 94 3.77 24.96 -14.62
N GLU A 95 3.55 26.19 -15.11
CA GLU A 95 2.29 26.87 -14.86
C GLU A 95 1.11 26.26 -15.60
N GLU A 96 1.33 25.26 -16.46
CA GLU A 96 0.24 24.54 -17.09
C GLU A 96 0.02 23.15 -16.53
N GLN A 97 0.91 22.68 -15.67
CA GLN A 97 0.76 21.35 -15.11
C GLN A 97 -0.43 21.28 -14.16
N PRO A 98 -1.15 20.16 -14.12
CA PRO A 98 -2.33 20.07 -13.29
C PRO A 98 -1.95 19.96 -11.83
N LYS A 99 -2.85 20.44 -10.99
N LYS A 99 -2.86 20.46 -10.99
CA LYS A 99 -2.73 20.19 -9.55
CA LYS A 99 -2.74 20.21 -9.56
C LYS A 99 -3.43 18.90 -9.13
C LYS A 99 -3.41 18.90 -9.14
N GLN A 100 -4.35 18.40 -9.94
CA GLN A 100 -5.01 17.12 -9.72
C GLN A 100 -5.21 16.40 -11.04
N ILE A 101 -5.13 15.08 -10.98
CA ILE A 101 -5.53 14.19 -12.07
C ILE A 101 -6.59 13.26 -11.51
N ILE A 102 -7.76 13.24 -12.14
CA ILE A 102 -8.87 12.37 -11.76
C ILE A 102 -8.98 11.23 -12.76
N VAL A 103 -8.84 10.02 -12.29
CA VAL A 103 -8.93 8.85 -13.16
C VAL A 103 -10.36 8.34 -13.15
N THR A 104 -10.86 7.93 -14.31
CA THR A 104 -12.24 7.48 -14.36
C THR A 104 -12.43 6.05 -13.86
N ARG A 105 -11.35 5.26 -13.80
CA ARG A 105 -11.40 3.89 -13.29
C ARG A 105 -10.36 3.69 -12.21
N LYS A 106 -10.75 3.11 -11.07
CA LYS A 106 -9.84 3.06 -9.93
C LYS A 106 -8.60 2.24 -10.18
N ALA A 107 -8.65 1.33 -11.14
CA ALA A 107 -7.46 0.55 -11.43
C ALA A 107 -6.32 1.38 -11.99
N MET A 108 -6.57 2.64 -12.39
CA MET A 108 -5.48 3.53 -12.81
C MET A 108 -4.77 4.21 -11.65
N LEU A 109 -5.25 4.09 -10.42
CA LEU A 109 -4.65 4.86 -9.34
C LEU A 109 -3.19 4.48 -9.10
N ASP A 110 -2.90 3.20 -8.84
CA ASP A 110 -1.53 2.83 -8.49
C ASP A 110 -0.62 3.01 -9.68
N PRO A 111 -1.01 2.60 -10.89
CA PRO A 111 -0.15 2.89 -12.04
C PRO A 111 0.22 4.37 -12.17
N LEU A 112 -0.79 5.28 -12.07
CA LEU A 112 -0.51 6.70 -12.26
C LEU A 112 0.29 7.24 -11.08
N GLU A 113 -0.08 6.84 -9.85
CA GLU A 113 0.69 7.23 -8.69
C GLU A 113 2.18 6.92 -8.83
N VAL A 114 2.51 5.67 -9.21
CA VAL A 114 3.91 5.28 -9.34
C VAL A 114 4.61 6.04 -10.45
N HIS A 115 3.94 6.27 -11.58
CA HIS A 115 4.60 7.08 -12.61
C HIS A 115 4.75 8.54 -12.21
N MET A 116 3.91 9.06 -11.33
CA MET A 116 4.00 10.46 -10.96
C MET A 116 4.76 10.69 -9.67
N LEU A 117 5.63 9.75 -9.26
CA LEU A 117 6.34 9.94 -7.99
C LEU A 117 7.15 11.23 -7.97
N ASP A 118 7.62 11.67 -9.14
CA ASP A 118 8.36 12.91 -9.27
C ASP A 118 7.51 14.14 -9.01
N PHE A 119 6.20 13.97 -8.90
CA PHE A 119 5.24 15.07 -8.76
C PHE A 119 4.42 14.84 -7.50
N PRO A 120 5.04 14.95 -6.32
CA PRO A 120 4.32 14.65 -5.08
C PRO A 120 3.17 15.60 -4.81
N ASN A 121 3.16 16.78 -5.42
CA ASN A 121 2.10 17.73 -5.17
C ASN A 121 0.95 17.65 -6.19
N ILE A 122 0.98 16.70 -7.14
CA ILE A 122 -0.16 16.46 -8.02
C ILE A 122 -1.01 15.35 -7.41
N ALA A 123 -2.23 15.68 -7.02
CA ALA A 123 -3.13 14.72 -6.40
C ALA A 123 -3.77 13.82 -7.44
N ILE A 124 -3.70 12.51 -7.21
CA ILE A 124 -4.33 11.50 -8.06
C ILE A 124 -5.60 11.04 -7.36
N ARG A 125 -6.75 11.34 -7.96
CA ARG A 125 -8.06 11.14 -7.37
C ARG A 125 -8.88 10.16 -8.21
N PRO A 126 -9.59 9.23 -7.57
CA PRO A 126 -10.64 8.48 -8.26
C PRO A 126 -11.94 9.27 -8.26
N THR A 127 -12.96 8.67 -8.84
CA THR A 127 -14.26 9.31 -8.86
C THR A 127 -15.37 8.28 -8.69
N GLU A 128 -16.45 8.72 -8.02
N GLU A 128 -16.46 8.70 -8.03
CA GLU A 128 -17.66 7.92 -7.86
CA GLU A 128 -17.62 7.83 -7.92
C GLU A 128 -18.63 8.10 -9.01
C GLU A 128 -18.61 8.05 -9.06
N LEU A 129 -18.40 9.08 -9.88
CA LEU A 129 -19.24 9.28 -11.05
C LEU A 129 -18.95 8.25 -12.14
N ARG A 130 -20.00 7.90 -12.88
CA ARG A 130 -19.92 6.89 -13.93
C ARG A 130 -19.88 7.58 -15.31
N LEU A 131 -18.77 8.29 -15.54
CA LEU A 131 -18.70 9.21 -16.67
C LEU A 131 -18.67 8.48 -18.01
N PRO A 132 -19.27 9.08 -19.05
CA PRO A 132 -19.47 8.36 -20.30
C PRO A 132 -18.31 8.53 -21.27
N PHE A 133 -17.08 8.69 -20.79
CA PHE A 133 -16.03 9.05 -21.72
C PHE A 133 -15.68 7.89 -22.66
N SER A 134 -16.04 6.65 -22.32
CA SER A 134 -15.85 5.56 -23.26
C SER A 134 -16.40 5.91 -24.64
N ALA A 135 -17.51 6.64 -24.69
CA ALA A 135 -18.18 6.97 -25.93
C ALA A 135 -17.38 7.95 -26.80
N ALA A 136 -16.17 8.35 -26.40
CA ALA A 136 -15.44 9.33 -27.20
C ALA A 136 -15.17 8.82 -28.59
N MET A 137 -14.99 7.51 -28.74
CA MET A 137 -14.81 6.96 -30.07
C MET A 137 -16.10 6.94 -30.86
N SER A 138 -17.22 7.43 -30.33
CA SER A 138 -18.40 7.64 -31.16
C SER A 138 -18.43 9.02 -31.80
N ILE A 139 -17.51 9.90 -31.45
CA ILE A 139 -17.37 11.18 -32.13
C ILE A 139 -16.56 10.92 -33.39
N ASP A 140 -17.15 11.20 -34.56
CA ASP A 140 -16.59 10.72 -35.83
C ASP A 140 -15.15 11.20 -36.05
N LYS A 141 -14.89 12.48 -35.82
CA LYS A 141 -13.54 12.97 -36.07
C LYS A 141 -12.48 12.38 -35.13
N LEU A 142 -12.85 12.05 -33.88
CA LEU A 142 -11.88 11.40 -33.01
C LEU A 142 -11.63 9.97 -33.42
N SER A 143 -12.70 9.24 -33.76
CA SER A 143 -12.53 7.88 -34.21
C SER A 143 -11.68 7.84 -35.48
N ASP A 144 -11.90 8.80 -36.38
CA ASP A 144 -11.22 8.77 -37.67
C ASP A 144 -9.73 8.94 -37.48
N VAL A 145 -9.32 9.86 -36.62
CA VAL A 145 -7.90 10.14 -36.47
C VAL A 145 -7.22 8.98 -35.76
N VAL A 146 -7.89 8.34 -34.80
CA VAL A 146 -7.31 7.17 -34.14
C VAL A 146 -7.08 6.02 -35.18
N MET A 147 -8.13 5.75 -35.94
N MET A 147 -8.13 5.73 -35.93
N MET A 147 -8.12 5.73 -35.94
CA MET A 147 -8.13 4.60 -36.83
CA MET A 147 -8.06 4.57 -36.83
CA MET A 147 -7.98 4.55 -36.82
C MET A 147 -7.22 4.80 -38.05
C MET A 147 -7.05 4.79 -37.96
C MET A 147 -6.99 4.80 -37.94
N LYS A 148 -6.83 6.03 -38.36
CA LYS A 148 -5.89 6.33 -39.46
C LYS A 148 -4.42 6.34 -39.03
N ALA A 149 -4.14 6.38 -37.73
CA ALA A 149 -2.78 6.61 -37.28
C ALA A 149 -1.91 5.43 -37.67
N THR A 150 -0.68 5.75 -38.12
CA THR A 150 0.31 4.75 -38.51
C THR A 150 1.48 4.71 -37.56
N GLU A 151 1.48 5.55 -36.54
CA GLU A 151 2.54 5.66 -35.56
C GLU A 151 1.94 6.32 -34.33
N PRO A 152 2.59 6.20 -33.19
CA PRO A 152 2.12 6.93 -32.01
C PRO A 152 2.03 8.42 -32.30
N GLN A 153 1.00 9.07 -31.75
CA GLN A 153 0.69 10.42 -32.15
C GLN A 153 -0.21 11.02 -31.09
N MET A 154 0.04 12.28 -30.75
CA MET A 154 -0.79 13.13 -29.87
C MET A 154 -1.55 14.14 -30.73
N VAL A 155 -2.88 14.16 -30.59
CA VAL A 155 -3.73 15.11 -31.35
C VAL A 155 -4.49 15.96 -30.34
N LEU A 156 -4.51 17.28 -30.55
CA LEU A 156 -5.10 18.21 -29.59
C LEU A 156 -6.43 18.69 -30.14
N PHE A 157 -7.47 18.63 -29.31
CA PHE A 157 -8.78 19.15 -29.69
C PHE A 157 -9.29 20.05 -28.59
N ASN A 158 -10.31 20.84 -28.91
CA ASN A 158 -11.20 21.40 -27.87
C ASN A 158 -12.55 20.69 -27.97
N ILE A 159 -12.87 19.87 -26.97
CA ILE A 159 -14.08 19.05 -27.05
C ILE A 159 -15.34 19.89 -26.90
N TYR A 160 -15.23 21.17 -26.55
CA TYR A 160 -16.37 22.07 -26.43
C TYR A 160 -16.54 22.95 -27.65
N ASP A 161 -15.82 22.70 -28.74
CA ASP A 161 -15.89 23.62 -29.88
C ASP A 161 -15.81 25.04 -29.34
N ASP A 162 -16.73 25.92 -29.73
CA ASP A 162 -16.72 27.32 -29.34
C ASP A 162 -17.74 27.62 -28.26
N TRP A 163 -18.19 26.58 -27.52
CA TRP A 163 -19.34 26.76 -26.65
C TRP A 163 -19.04 27.75 -25.56
N LEU A 164 -17.80 27.82 -25.10
CA LEU A 164 -17.46 28.65 -23.96
C LEU A 164 -17.57 30.13 -24.26
N ASP A 165 -17.72 30.52 -25.53
CA ASP A 165 -18.04 31.91 -25.89
C ASP A 165 -19.41 32.30 -25.39
N ARG A 166 -20.30 31.32 -25.23
CA ARG A 166 -21.68 31.58 -24.90
C ARG A 166 -22.16 30.98 -23.59
N ILE A 167 -21.52 29.90 -23.09
CA ILE A 167 -21.96 29.20 -21.89
C ILE A 167 -20.78 28.99 -20.97
N SER A 168 -21.08 28.68 -19.71
CA SER A 168 -20.05 28.43 -18.74
C SER A 168 -19.47 27.02 -18.88
N SER A 169 -18.34 26.80 -18.20
N SER A 169 -18.36 26.76 -18.18
CA SER A 169 -17.72 25.47 -18.20
CA SER A 169 -17.75 25.44 -18.27
C SER A 169 -18.66 24.45 -17.60
C SER A 169 -18.55 24.40 -17.50
N TYR A 170 -19.33 24.82 -16.51
CA TYR A 170 -20.26 23.88 -15.90
C TYR A 170 -21.28 23.40 -16.91
N THR A 171 -21.88 24.34 -17.65
CA THR A 171 -22.90 24.02 -18.64
C THR A 171 -22.31 23.26 -19.82
N ALA A 172 -21.12 23.64 -20.24
CA ALA A 172 -20.44 22.90 -21.33
C ALA A 172 -20.17 21.44 -20.93
N PHE A 173 -19.62 21.22 -19.73
CA PHE A 173 -19.41 19.86 -19.28
C PHE A 173 -20.72 19.09 -19.22
N SER A 174 -21.77 19.71 -18.68
CA SER A 174 -23.06 19.02 -18.65
C SER A 174 -23.53 18.63 -20.05
N ARG A 175 -23.40 19.54 -21.02
CA ARG A 175 -23.77 19.21 -22.39
C ARG A 175 -22.91 18.08 -22.93
N LEU A 176 -21.60 18.15 -22.69
CA LEU A 176 -20.72 17.09 -23.19
C LEU A 176 -21.15 15.74 -22.62
N THR A 177 -21.37 15.68 -21.29
CA THR A 177 -21.68 14.40 -20.68
C THR A 177 -23.04 13.92 -21.12
N LEU A 178 -23.98 14.83 -21.39
CA LEU A 178 -25.25 14.40 -21.95
C LEU A 178 -25.07 13.78 -23.34
N LEU A 179 -24.32 14.46 -24.19
CA LEU A 179 -24.12 13.96 -25.55
C LEU A 179 -23.44 12.60 -25.50
N LEU A 180 -22.46 12.44 -24.61
CA LEU A 180 -21.70 11.20 -24.63
C LEU A 180 -22.49 10.08 -23.98
N ARG A 181 -23.26 10.41 -22.94
CA ARG A 181 -24.16 9.42 -22.37
C ARG A 181 -25.16 8.93 -23.42
N ALA A 182 -25.62 9.82 -24.30
CA ALA A 182 -26.60 9.41 -25.30
C ALA A 182 -25.95 8.52 -26.36
N LEU A 183 -24.77 8.92 -26.83
CA LEU A 183 -24.04 8.07 -27.79
C LEU A 183 -23.71 6.72 -27.19
N LYS A 184 -23.52 6.66 -25.88
CA LYS A 184 -23.15 5.40 -25.24
C LYS A 184 -24.33 4.46 -25.11
N THR A 185 -25.53 5.00 -24.84
N THR A 185 -25.53 5.00 -24.87
CA THR A 185 -26.68 4.11 -24.64
CA THR A 185 -26.70 4.18 -24.62
C THR A 185 -27.33 3.69 -25.95
C THR A 185 -27.39 3.75 -25.90
N ASN A 186 -27.33 4.56 -26.95
CA ASN A 186 -27.88 4.19 -28.26
C ASN A 186 -27.21 5.09 -29.30
N GLU A 187 -26.03 4.65 -29.76
CA GLU A 187 -25.23 5.48 -30.65
C GLU A 187 -25.99 5.83 -31.91
N GLU A 188 -26.73 4.87 -32.47
CA GLU A 188 -27.41 5.10 -33.73
C GLU A 188 -28.41 6.25 -33.59
N SER A 189 -29.28 6.17 -32.58
CA SER A 189 -30.25 7.23 -32.36
C SER A 189 -29.58 8.57 -32.10
N ALA A 190 -28.59 8.60 -31.19
CA ALA A 190 -27.89 9.85 -30.90
C ALA A 190 -27.36 10.50 -32.18
N LYS A 191 -26.71 9.72 -33.03
CA LYS A 191 -26.14 10.31 -34.23
C LYS A 191 -27.23 10.81 -35.16
N MET A 192 -28.39 10.15 -35.17
CA MET A 192 -29.50 10.64 -35.99
CA MET A 192 -29.50 10.64 -35.99
C MET A 192 -29.95 12.01 -35.53
N ILE A 193 -30.05 12.21 -34.21
CA ILE A 193 -30.48 13.48 -33.66
C ILE A 193 -29.52 14.59 -34.07
N LEU A 194 -28.22 14.31 -34.03
CA LEU A 194 -27.22 15.35 -34.25
C LEU A 194 -27.15 15.77 -35.70
N LEU A 195 -27.09 14.76 -36.55
CA LEU A 195 -26.97 14.89 -38.01
C LEU A 195 -28.38 14.70 -38.53
N SER A 196 -29.25 15.63 -38.17
CA SER A 196 -30.70 15.52 -38.43
C SER A 196 -31.10 16.18 -39.76
N ASP A 197 -31.15 17.52 -39.80
CA ASP A 197 -31.67 18.30 -40.96
C ASP A 197 -30.49 18.82 -41.81
N PRO A 198 -30.64 19.03 -43.13
CA PRO A 198 -29.51 19.43 -43.99
C PRO A 198 -29.06 20.89 -44.03
N THR A 199 -29.54 21.75 -43.13
CA THR A 199 -29.07 23.14 -43.00
C THR A 199 -28.17 23.27 -41.76
N ILE A 200 -27.88 22.19 -41.02
CA ILE A 200 -26.98 22.19 -39.82
C ILE A 200 -25.67 21.50 -40.22
N THR A 201 -24.52 22.14 -40.05
CA THR A 201 -23.23 21.52 -40.43
C THR A 201 -22.31 21.42 -39.22
N ILE A 202 -21.20 20.71 -39.38
CA ILE A 202 -20.06 20.68 -38.47
C ILE A 202 -18.93 21.45 -39.13
N LYS A 203 -18.46 22.50 -38.46
CA LYS A 203 -17.36 23.27 -39.02
C LYS A 203 -16.14 22.39 -39.15
N SER A 204 -15.31 22.65 -40.16
CA SER A 204 -14.08 21.88 -40.30
C SER A 204 -13.25 21.85 -39.02
N TYR A 205 -13.28 22.94 -38.24
CA TYR A 205 -12.44 23.01 -37.05
C TYR A 205 -13.18 22.60 -35.77
N HIS A 206 -14.33 21.94 -35.90
CA HIS A 206 -15.17 21.58 -34.74
C HIS A 206 -15.47 20.10 -34.77
N LEU A 207 -15.96 19.60 -33.63
CA LEU A 207 -16.37 18.22 -33.52
C LEU A 207 -17.88 18.02 -33.63
N TRP A 208 -18.65 19.00 -33.22
CA TRP A 208 -20.10 18.90 -33.08
C TRP A 208 -20.76 19.91 -34.01
N PRO A 209 -22.04 19.78 -34.29
CA PRO A 209 -22.72 20.73 -35.17
C PRO A 209 -22.86 22.13 -34.58
N SER A 210 -23.11 23.08 -35.49
CA SER A 210 -23.23 24.51 -35.15
C SER A 210 -24.68 24.87 -34.80
N PHE A 211 -25.12 24.38 -33.67
CA PHE A 211 -26.49 24.66 -33.23
C PHE A 211 -26.59 26.05 -32.64
N THR A 212 -27.67 26.74 -32.97
CA THR A 212 -28.03 27.91 -32.22
C THR A 212 -28.39 27.52 -30.79
N ASP A 213 -28.45 28.54 -29.92
CA ASP A 213 -28.84 28.29 -28.54
C ASP A 213 -30.18 27.57 -28.46
N GLU A 214 -31.12 27.94 -29.33
CA GLU A 214 -32.45 27.33 -29.27
C GLU A 214 -32.43 25.90 -29.75
N GLN A 215 -31.63 25.65 -30.79
CA GLN A 215 -31.49 24.29 -31.27
C GLN A 215 -30.77 23.41 -30.26
N TRP A 216 -29.81 23.98 -29.52
CA TRP A 216 -29.16 23.18 -28.49
C TRP A 216 -30.15 22.74 -27.41
N ILE A 217 -31.11 23.59 -27.08
CA ILE A 217 -32.12 23.21 -26.10
C ILE A 217 -32.94 22.05 -26.63
N THR A 218 -33.38 22.18 -27.88
CA THR A 218 -34.09 21.09 -28.55
C THR A 218 -33.24 19.83 -28.61
N ILE A 219 -31.99 19.95 -29.07
CA ILE A 219 -31.10 18.79 -29.11
C ILE A 219 -30.97 18.16 -27.73
N GLU A 220 -30.63 18.98 -26.72
CA GLU A 220 -30.42 18.44 -25.38
C GLU A 220 -31.67 17.72 -24.91
N SER A 221 -32.85 18.30 -25.17
N SER A 221 -32.86 18.32 -25.13
CA SER A 221 -34.09 17.63 -24.78
CA SER A 221 -34.09 17.63 -24.78
C SER A 221 -34.23 16.29 -25.49
C SER A 221 -34.16 16.26 -25.47
N GLN A 222 -33.92 16.24 -26.77
CA GLN A 222 -34.01 14.98 -27.50
C GLN A 222 -33.04 13.95 -26.92
N MET A 223 -31.86 14.38 -26.50
CA MET A 223 -30.89 13.44 -25.92
C MET A 223 -31.38 12.89 -24.59
N ARG A 224 -31.97 13.75 -23.75
N ARG A 224 -32.03 13.73 -23.77
CA ARG A 224 -32.54 13.29 -22.48
CA ARG A 224 -32.53 13.28 -22.47
C ARG A 224 -33.64 12.25 -22.72
C ARG A 224 -33.70 12.31 -22.63
N ASP A 225 -34.57 12.55 -23.62
CA ASP A 225 -35.61 11.57 -23.98
CA ASP A 225 -35.60 11.57 -23.96
C ASP A 225 -34.99 10.21 -24.32
N LEU A 226 -33.98 10.21 -25.20
CA LEU A 226 -33.34 8.98 -25.63
C LEU A 226 -32.80 8.20 -24.43
N ILE A 227 -32.15 8.89 -23.51
CA ILE A 227 -31.51 8.24 -22.38
C ILE A 227 -32.52 7.57 -21.46
N LEU A 228 -33.63 8.26 -21.16
CA LEU A 228 -34.69 7.66 -20.35
C LEU A 228 -35.34 6.49 -21.09
N THR A 229 -35.75 6.72 -22.34
CA THR A 229 -36.24 5.63 -23.18
C THR A 229 -35.41 4.38 -22.98
N GLU A 230 -34.20 4.34 -23.56
CA GLU A 230 -33.32 3.18 -23.45
C GLU A 230 -33.32 2.62 -22.04
N TYR A 231 -33.51 3.49 -21.06
CA TYR A 231 -33.60 3.04 -19.68
C TYR A 231 -34.93 2.33 -19.42
N GLY A 232 -35.97 2.64 -20.18
CA GLY A 232 -37.17 1.83 -20.16
C GLY A 232 -36.98 0.58 -21.01
N ARG A 233 -36.73 0.77 -22.31
CA ARG A 233 -36.47 -0.34 -23.22
C ARG A 233 -35.52 -1.36 -22.60
N LYS A 234 -34.58 -0.89 -21.79
CA LYS A 234 -33.74 -1.83 -21.05
C LYS A 234 -34.54 -2.51 -19.95
N TYR A 235 -35.06 -1.72 -19.02
CA TYR A 235 -35.67 -2.23 -17.80
C TYR A 235 -37.12 -2.62 -17.97
N ASN A 236 -37.76 -2.22 -19.06
CA ASN A 236 -39.20 -2.37 -19.22
C ASN A 236 -39.89 -1.58 -18.12
N VAL A 237 -40.02 -0.27 -18.34
CA VAL A 237 -40.69 0.65 -17.43
C VAL A 237 -41.47 1.66 -18.27
N MET B 5 24.18 -19.99 32.82
CA MET B 5 22.86 -19.42 33.21
C MET B 5 23.02 -18.12 34.01
N ASN B 6 22.21 -17.11 33.70
CA ASN B 6 22.31 -15.82 34.36
C ASN B 6 20.98 -15.41 34.99
N THR B 7 21.03 -14.31 35.72
CA THR B 7 19.98 -13.93 36.66
C THR B 7 19.66 -12.46 36.53
N VAL B 8 18.37 -12.05 36.51
CA VAL B 8 17.94 -10.63 36.47
C VAL B 8 17.20 -10.38 37.79
N PRO B 9 17.86 -9.93 38.88
CA PRO B 9 17.22 -9.77 40.19
C PRO B 9 16.37 -8.50 40.37
N PHE B 10 15.49 -8.50 41.39
CA PHE B 10 14.54 -7.41 41.73
C PHE B 10 14.75 -6.95 43.19
N THR B 11 14.82 -5.65 43.47
CA THR B 11 14.94 -5.06 44.84
C THR B 11 13.70 -5.45 45.65
N SER B 12 12.51 -5.46 45.00
CA SER B 12 11.14 -5.84 45.50
C SER B 12 10.05 -5.70 44.40
N ALA B 13 8.79 -6.14 44.66
CA ALA B 13 7.59 -6.00 43.82
C ALA B 13 6.47 -5.28 44.56
N PRO B 14 6.48 -3.94 44.58
CA PRO B 14 5.50 -3.20 45.38
C PRO B 14 4.13 -3.06 44.77
N ILE B 15 3.97 -3.29 43.47
CA ILE B 15 2.63 -3.26 42.89
C ILE B 15 2.38 -4.55 42.13
N GLU B 16 1.12 -4.97 42.18
CA GLU B 16 0.66 -6.18 41.54
C GLU B 16 0.84 -6.05 40.05
N VAL B 17 1.49 -7.06 39.46
CA VAL B 17 1.93 -6.98 38.06
C VAL B 17 2.05 -8.38 37.50
N THR B 18 1.76 -8.51 36.21
CA THR B 18 2.06 -9.72 35.47
C THR B 18 3.40 -9.52 34.78
N ILE B 19 4.36 -10.36 35.10
CA ILE B 19 5.73 -10.25 34.60
C ILE B 19 5.94 -11.33 33.56
N GLY B 20 6.41 -10.93 32.40
CA GLY B 20 6.79 -11.86 31.36
C GLY B 20 8.30 -11.94 31.22
N ILE B 21 8.78 -13.12 30.86
CA ILE B 21 10.17 -13.27 30.46
C ILE B 21 10.08 -14.11 29.20
N ASP B 22 10.45 -13.52 28.06
CA ASP B 22 10.32 -14.21 26.78
C ASP B 22 8.87 -14.65 26.69
N GLN B 23 8.59 -15.89 26.28
CA GLN B 23 7.23 -16.34 26.08
C GLN B 23 6.56 -16.80 27.38
N TYR B 24 7.20 -16.64 28.54
CA TYR B 24 6.65 -17.10 29.80
C TYR B 24 6.11 -15.91 30.60
N SER B 25 5.26 -16.20 31.57
CA SER B 25 4.70 -15.13 32.39
C SER B 25 4.10 -15.69 33.66
N PHE B 26 4.08 -14.82 34.67
CA PHE B 26 3.55 -15.21 35.97
C PHE B 26 3.05 -13.94 36.65
N ASN B 27 2.14 -14.14 37.58
CA ASN B 27 1.45 -13.07 38.27
C ASN B 27 2.14 -12.86 39.60
N VAL B 28 2.42 -11.61 39.94
CA VAL B 28 3.05 -11.28 41.20
C VAL B 28 2.10 -10.39 41.98
N LYS B 29 1.81 -10.76 43.23
CA LYS B 29 0.86 -9.99 44.02
C LYS B 29 1.55 -8.78 44.64
N GLU B 30 0.73 -7.79 44.99
CA GLU B 30 1.23 -6.60 45.66
C GLU B 30 2.07 -6.96 46.89
N ASN B 31 3.31 -6.49 46.92
CA ASN B 31 4.26 -6.77 47.99
C ASN B 31 4.49 -8.27 48.23
N GLN B 32 4.27 -9.11 47.24
CA GLN B 32 4.72 -10.49 47.34
C GLN B 32 6.25 -10.54 47.36
N PRO B 33 6.85 -11.53 48.04
CA PRO B 33 8.33 -11.63 48.11
C PRO B 33 8.98 -12.21 46.85
N PHE B 34 8.89 -11.46 45.79
CA PHE B 34 9.51 -11.79 44.52
C PHE B 34 10.84 -11.07 44.43
N HIS B 35 11.88 -11.80 44.04
CA HIS B 35 13.18 -11.14 43.93
C HIS B 35 13.93 -11.55 42.68
N GLY B 36 13.24 -12.08 41.68
CA GLY B 36 13.82 -12.08 40.37
C GLY B 36 13.67 -13.40 39.66
N ILE B 37 14.43 -13.50 38.60
CA ILE B 37 14.33 -14.57 37.61
C ILE B 37 15.71 -15.13 37.38
N LYS B 38 15.86 -16.45 37.54
CA LYS B 38 17.16 -17.11 37.45
C LYS B 38 17.14 -18.14 36.31
N ASP B 39 18.32 -18.72 36.04
CA ASP B 39 18.47 -19.79 35.04
C ASP B 39 18.13 -19.31 33.63
N ILE B 40 18.44 -18.04 33.36
CA ILE B 40 18.14 -17.47 32.06
C ILE B 40 19.15 -17.93 31.02
N PRO B 41 18.70 -18.56 29.93
CA PRO B 41 19.66 -19.14 28.97
C PRO B 41 20.58 -18.10 28.36
N ILE B 42 21.85 -18.36 28.52
CA ILE B 42 22.85 -17.52 27.91
C ILE B 42 22.91 -17.84 26.42
N GLY B 43 23.15 -16.81 25.64
CA GLY B 43 23.37 -16.97 24.22
C GLY B 43 22.30 -16.33 23.35
N HIS B 44 21.23 -15.83 23.95
CA HIS B 44 20.11 -15.27 23.22
C HIS B 44 19.84 -13.92 23.82
N VAL B 45 19.19 -13.04 23.05
N VAL B 45 19.24 -13.02 23.04
CA VAL B 45 18.60 -11.83 23.63
CA VAL B 45 18.61 -11.87 23.67
C VAL B 45 17.27 -12.21 24.28
C VAL B 45 17.41 -12.36 24.49
N HIS B 46 16.92 -11.49 25.36
CA HIS B 46 15.74 -11.80 26.13
C HIS B 46 14.94 -10.52 26.28
N VAL B 47 13.70 -10.68 26.71
CA VAL B 47 12.84 -9.54 26.98
C VAL B 47 12.09 -9.83 28.26
N ILE B 48 12.10 -8.87 29.17
N ILE B 48 12.20 -8.92 29.22
CA ILE B 48 11.37 -8.97 30.41
CA ILE B 48 11.37 -8.96 30.41
C ILE B 48 10.35 -7.83 30.44
C ILE B 48 10.32 -7.86 30.26
N HIS B 49 9.08 -8.18 30.60
CA HIS B 49 7.99 -7.25 30.31
C HIS B 49 6.90 -7.32 31.37
N PHE B 50 6.06 -6.28 31.35
CA PHE B 50 5.25 -5.99 32.51
C PHE B 50 3.88 -5.53 32.07
N GLN B 51 2.86 -5.97 32.79
CA GLN B 51 1.52 -5.42 32.63
C GLN B 51 0.93 -5.22 34.02
N HIS B 52 0.76 -3.98 34.42
CA HIS B 52 0.29 -3.77 35.79
C HIS B 52 -1.15 -4.25 35.96
N ALA B 53 -1.44 -4.75 37.16
CA ALA B 53 -2.76 -5.32 37.39
C ALA B 53 -3.86 -4.28 37.30
N ASP B 54 -3.54 -3.01 37.57
CA ASP B 54 -4.54 -1.98 37.73
C ASP B 54 -4.77 -1.20 36.45
N ASN B 55 -3.73 -1.07 35.62
CA ASN B 55 -3.82 -0.34 34.35
C ASN B 55 -3.22 -1.23 33.28
N SER B 56 -4.04 -2.12 32.72
CA SER B 56 -3.59 -2.93 31.59
C SER B 56 -3.17 -2.08 30.40
N SER B 57 -3.45 -0.77 30.41
CA SER B 57 -2.80 0.12 29.47
C SER B 57 -1.29 0.04 29.66
N MET B 58 -0.56 0.24 28.58
N MET B 58 -0.58 0.20 28.55
CA MET B 58 0.89 0.18 28.63
CA MET B 58 0.87 0.17 28.53
C MET B 58 1.37 -1.20 29.09
C MET B 58 1.41 -1.16 29.05
N ARG B 59 1.56 -2.11 28.14
CA ARG B 59 2.54 -3.17 28.33
C ARG B 59 3.88 -2.51 28.01
N TYR B 60 4.90 -2.82 28.79
CA TYR B 60 6.23 -2.27 28.54
C TYR B 60 7.26 -3.32 28.95
N GLY B 61 8.50 -3.11 28.52
CA GLY B 61 9.51 -4.12 28.86
C GLY B 61 10.88 -3.73 28.36
N TYR B 62 11.84 -4.64 28.57
CA TYR B 62 13.25 -4.36 28.35
C TYR B 62 13.87 -5.52 27.60
N TRP B 63 14.51 -5.20 26.45
CA TRP B 63 15.33 -6.15 25.72
C TRP B 63 16.75 -6.10 26.26
N PHE B 64 17.35 -7.27 26.53
CA PHE B 64 18.65 -7.32 27.16
C PHE B 64 19.37 -8.64 26.79
N ASP B 65 20.67 -8.66 27.09
CA ASP B 65 21.56 -9.80 26.84
C ASP B 65 22.48 -9.86 28.04
N CYS B 66 22.27 -10.87 28.88
CA CYS B 66 23.06 -11.05 30.09
C CYS B 66 24.57 -11.10 29.85
N ARG B 67 25.02 -11.28 28.61
CA ARG B 67 26.46 -11.25 28.35
C ARG B 67 27.01 -9.85 28.45
N MET B 68 26.17 -8.83 28.28
N MET B 68 26.17 -8.83 28.26
CA MET B 68 26.64 -7.45 28.21
CA MET B 68 26.58 -7.43 28.18
C MET B 68 26.63 -6.73 29.55
C MET B 68 26.59 -6.72 29.53
N GLY B 69 26.31 -7.42 30.62
CA GLY B 69 26.31 -6.79 31.93
C GLY B 69 25.37 -7.49 32.87
N ASN B 70 25.45 -7.07 34.14
CA ASN B 70 24.54 -7.53 35.17
C ASN B 70 23.38 -6.56 35.29
N PHE B 71 22.15 -6.99 35.02
CA PHE B 71 20.96 -6.09 35.03
C PHE B 71 20.01 -6.46 36.16
N TYR B 72 19.47 -5.47 36.91
CA TYR B 72 18.52 -5.70 38.03
C TYR B 72 17.35 -4.70 37.93
N ILE B 73 16.19 -5.00 38.52
CA ILE B 73 14.95 -4.17 38.42
C ILE B 73 14.51 -3.60 39.79
N GLN B 74 14.26 -2.30 39.94
CA GLN B 74 13.70 -1.68 41.18
C GLN B 74 12.46 -0.91 40.76
N TYR B 75 11.34 -1.07 41.43
CA TYR B 75 10.11 -0.33 41.08
C TYR B 75 10.38 1.15 41.37
N ASP B 76 10.08 2.06 40.45
CA ASP B 76 10.20 3.50 40.69
C ASP B 76 8.83 4.08 41.05
N PRO B 77 8.60 4.49 42.30
CA PRO B 77 7.27 4.98 42.66
C PRO B 77 6.97 6.38 42.15
N LYS B 78 7.96 7.08 41.59
CA LYS B 78 7.68 8.41 41.03
C LYS B 78 7.18 8.26 39.61
N ASP B 79 7.93 7.51 38.79
CA ASP B 79 7.55 7.28 37.40
C ASP B 79 6.57 6.12 37.24
N GLY B 80 6.37 5.34 38.29
CA GLY B 80 5.30 4.38 38.30
C GLY B 80 5.56 3.17 37.47
N LEU B 81 6.81 2.76 37.37
CA LEU B 81 7.06 1.55 36.61
C LEU B 81 8.27 0.79 37.10
N TYR B 82 8.31 -0.47 36.70
CA TYR B 82 9.47 -1.31 36.95
C TYR B 82 10.56 -0.92 35.96
N LYS B 83 11.72 -0.48 36.47
CA LYS B 83 12.80 -0.05 35.59
C LYS B 83 13.96 -1.06 35.59
N MET B 84 14.57 -1.25 34.44
CA MET B 84 15.80 -2.03 34.38
C MET B 84 16.97 -1.11 34.69
N MET B 85 17.93 -1.60 35.46
CA MET B 85 19.17 -0.88 35.72
C MET B 85 20.36 -1.82 35.58
N GLU B 86 21.53 -1.21 35.36
CA GLU B 86 22.81 -1.89 35.11
C GLU B 86 23.75 -1.71 36.31
N GLU B 87 24.00 -2.77 37.08
CA GLU B 87 24.90 -2.70 38.26
C GLU B 87 26.36 -2.67 37.78
N ARG B 88 27.22 -1.79 38.30
CA ARG B 88 28.65 -1.76 37.89
C ARG B 88 29.53 -2.48 38.92
N ASP B 89 29.01 -2.79 40.11
CA ASP B 89 29.75 -3.46 41.18
C ASP B 89 29.48 -4.95 41.13
N GLY B 90 30.40 -5.71 40.54
CA GLY B 90 30.12 -7.10 40.19
C GLY B 90 29.97 -8.03 41.38
N ALA B 91 30.61 -7.69 42.50
CA ALA B 91 30.59 -8.50 43.74
C ALA B 91 29.35 -8.16 44.56
N LYS B 92 28.87 -6.92 44.49
CA LYS B 92 27.63 -6.53 45.19
C LYS B 92 26.52 -7.37 44.59
N PHE B 93 26.47 -7.40 43.26
CA PHE B 93 25.42 -8.10 42.48
C PHE B 93 25.42 -9.59 42.77
N GLU B 94 26.61 -10.20 42.77
CA GLU B 94 26.77 -11.66 42.99
C GLU B 94 26.45 -11.97 44.46
N ASN B 95 26.88 -11.15 45.44
CA ASN B 95 26.55 -11.40 46.87
C ASN B 95 25.04 -11.28 47.04
N ILE B 96 24.46 -10.28 46.39
CA ILE B 96 23.00 -9.99 46.44
C ILE B 96 22.25 -11.13 45.78
N VAL B 97 22.73 -11.59 44.62
CA VAL B 97 22.03 -12.63 43.80
C VAL B 97 22.06 -13.91 44.62
N HIS B 98 23.26 -14.32 45.04
CA HIS B 98 23.42 -15.53 45.82
C HIS B 98 22.54 -15.52 47.07
N ASN B 99 22.50 -14.39 47.77
CA ASN B 99 21.71 -14.19 49.02
C ASN B 99 20.26 -14.57 48.73
N PHE B 100 19.67 -13.99 47.68
CA PHE B 100 18.27 -14.22 47.24
C PHE B 100 18.08 -15.68 46.79
N LYS B 101 19.07 -16.25 46.11
CA LYS B 101 19.04 -17.64 45.57
C LYS B 101 18.92 -18.64 46.71
N GLU B 102 19.55 -18.35 47.86
CA GLU B 102 19.53 -19.17 49.07
C GLU B 102 18.17 -19.08 49.76
N ARG B 103 17.52 -17.94 49.66
CA ARG B 103 16.18 -17.78 50.22
C ARG B 103 15.09 -18.23 49.24
N GLN B 104 15.49 -18.76 48.09
CA GLN B 104 14.60 -19.27 47.03
C GLN B 104 13.48 -18.27 46.74
N MET B 105 13.86 -17.01 46.57
CA MET B 105 12.91 -15.95 46.26
C MET B 105 12.87 -15.64 44.76
N MET B 106 13.31 -16.57 43.91
CA MET B 106 13.36 -16.31 42.48
C MET B 106 12.64 -17.40 41.71
N VAL B 107 12.07 -17.02 40.60
CA VAL B 107 11.50 -18.01 39.69
C VAL B 107 12.59 -18.42 38.73
N SER B 108 12.45 -19.65 38.24
CA SER B 108 13.39 -20.24 37.32
C SER B 108 12.85 -20.10 35.90
N TYR B 109 13.68 -19.58 35.03
CA TYR B 109 13.27 -19.44 33.63
C TYR B 109 12.85 -20.83 33.18
N PRO B 110 11.61 -21.07 32.83
CA PRO B 110 11.12 -22.44 32.83
C PRO B 110 11.22 -23.15 31.47
N LYS B 111 12.46 -23.31 31.00
CA LYS B 111 12.70 -23.87 29.68
C LYS B 111 12.69 -25.40 29.69
N ILE B 112 11.75 -25.97 28.94
CA ILE B 112 11.74 -27.39 28.59
C ILE B 112 12.91 -27.69 27.66
N ASP B 113 13.62 -28.79 27.95
CA ASP B 113 14.85 -29.09 27.22
C ASP B 113 14.58 -29.33 25.73
N GLU B 114 13.51 -30.06 25.39
CA GLU B 114 13.15 -30.28 23.99
C GLU B 114 12.87 -28.97 23.23
N ASP B 115 12.58 -27.90 23.93
CA ASP B 115 11.93 -26.71 23.39
C ASP B 115 12.95 -25.76 22.79
N ASP B 116 12.86 -25.51 21.48
CA ASP B 116 13.70 -24.54 20.80
C ASP B 116 12.94 -23.27 20.42
N THR B 117 11.74 -23.07 20.95
CA THR B 117 10.94 -21.93 20.49
C THR B 117 11.70 -20.61 20.56
N TRP B 118 12.30 -20.30 21.72
CA TRP B 118 12.88 -18.97 21.86
C TRP B 118 14.02 -18.79 20.87
N TYR B 119 14.90 -19.79 20.77
CA TYR B 119 15.95 -19.71 19.77
C TYR B 119 15.35 -19.39 18.42
N ASN B 120 14.26 -20.07 18.06
CA ASN B 120 13.76 -19.94 16.70
C ASN B 120 13.12 -18.58 16.46
N LEU B 121 12.66 -17.94 17.50
CA LEU B 121 12.06 -16.62 17.37
C LEU B 121 13.08 -15.50 17.41
N THR B 122 14.29 -15.76 17.89
CA THR B 122 15.33 -14.77 18.06
C THR B 122 16.62 -15.13 17.32
N GLU B 123 16.55 -16.10 16.40
CA GLU B 123 17.72 -16.63 15.70
C GLU B 123 18.63 -15.52 15.20
N PHE B 124 18.06 -14.50 14.53
CA PHE B 124 18.83 -13.44 13.90
C PHE B 124 18.79 -12.13 14.68
N VAL B 125 18.18 -12.09 15.85
CA VAL B 125 18.07 -10.85 16.61
C VAL B 125 19.33 -10.70 17.46
N GLN B 126 19.97 -9.54 17.35
N GLN B 126 20.01 -9.56 17.29
CA GLN B 126 21.19 -9.23 18.07
CA GLN B 126 21.20 -9.20 18.05
C GLN B 126 21.03 -7.90 18.81
C GLN B 126 20.93 -7.92 18.86
N MET B 127 21.52 -7.85 20.05
CA MET B 127 21.38 -6.63 20.84
C MET B 127 21.87 -5.41 20.10
N ASP B 128 22.95 -5.55 19.33
CA ASP B 128 23.51 -4.38 18.66
C ASP B 128 22.51 -3.80 17.67
N LYS B 129 21.74 -4.66 16.99
CA LYS B 129 20.76 -4.13 16.04
C LYS B 129 19.55 -3.58 16.78
N ILE B 130 19.14 -4.22 17.89
CA ILE B 130 18.07 -3.65 18.70
C ILE B 130 18.43 -2.23 19.14
N ARG B 131 19.67 -2.02 19.57
CA ARG B 131 20.03 -0.73 20.14
C ARG B 131 20.12 0.35 19.08
N LYS B 132 20.17 -0.01 17.80
CA LYS B 132 20.08 0.96 16.72
C LYS B 132 18.63 1.29 16.36
N ILE B 133 17.72 0.33 16.51
CA ILE B 133 16.30 0.59 16.36
C ILE B 133 15.76 1.36 17.55
N VAL B 134 16.28 1.08 18.76
CA VAL B 134 15.83 1.73 20.00
C VAL B 134 17.02 2.53 20.55
N ARG B 135 17.05 3.83 20.31
CA ARG B 135 18.25 4.63 20.58
C ARG B 135 18.21 5.14 22.02
N LYS B 136 19.12 4.64 22.86
CA LYS B 136 19.33 5.15 24.21
C LYS B 136 20.70 4.70 24.70
N ASP B 137 21.75 5.32 24.19
CA ASP B 137 23.07 4.69 24.21
C ASP B 137 23.70 4.64 25.60
N GLU B 138 23.11 5.31 26.59
CA GLU B 138 23.61 5.23 27.97
C GLU B 138 23.19 3.95 28.69
N ASN B 139 22.39 3.10 28.05
CA ASN B 139 21.98 1.85 28.65
C ASN B 139 22.32 0.71 27.71
N GLN B 140 22.70 -0.42 28.29
CA GLN B 140 23.00 -1.63 27.53
C GLN B 140 21.75 -2.38 27.07
N PHE B 141 20.58 -2.02 27.60
CA PHE B 141 19.31 -2.70 27.40
C PHE B 141 18.35 -1.70 26.77
N SER B 142 17.23 -2.19 26.21
CA SER B 142 16.33 -1.33 25.44
C SER B 142 14.89 -1.40 25.89
N TYR B 143 14.31 -0.22 26.20
CA TYR B 143 12.92 -0.13 26.60
C TYR B 143 11.99 -0.05 25.39
N VAL B 144 10.89 -0.80 25.45
CA VAL B 144 9.87 -0.73 24.40
C VAL B 144 8.51 -0.81 25.10
N ASP B 145 7.51 -0.11 24.54
CA ASP B 145 6.16 -0.22 25.08
C ASP B 145 5.11 -0.13 23.97
N SER B 146 3.87 -0.39 24.40
CA SER B 146 2.70 -0.44 23.53
C SER B 146 2.54 0.80 22.66
N SER B 147 2.84 1.97 23.19
CA SER B 147 2.46 3.23 22.56
C SER B 147 3.54 3.81 21.65
N MET B 148 4.77 3.31 21.68
CA MET B 148 5.84 3.91 20.89
C MET B 148 5.54 3.81 19.40
N THR B 149 5.77 4.90 18.68
CA THR B 149 5.52 4.91 17.25
C THR B 149 6.83 4.77 16.49
N THR B 150 6.70 4.45 15.20
CA THR B 150 7.86 4.23 14.36
C THR B 150 8.24 5.51 13.62
N VAL B 151 9.51 5.56 13.19
CA VAL B 151 9.97 6.66 12.34
C VAL B 151 8.96 6.89 11.21
N GLN B 152 8.54 5.81 10.55
CA GLN B 152 7.67 5.96 9.39
C GLN B 152 6.28 6.46 9.78
N GLU B 153 5.74 5.96 10.91
CA GLU B 153 4.47 6.46 11.41
C GLU B 153 4.56 7.95 11.69
N ASN B 154 5.71 8.41 12.17
CA ASN B 154 5.89 9.81 12.52
C ASN B 154 5.91 10.70 11.28
N GLU B 155 6.41 10.18 10.15
CA GLU B 155 6.46 10.97 8.92
C GLU B 155 5.06 11.23 8.34
N LEU B 156 4.07 10.46 8.75
CA LEU B 156 2.71 10.57 8.19
C LEU B 156 1.76 11.25 9.19
N SER B 161 5.52 11.62 18.05
CA SER B 161 6.15 12.81 17.49
C SER B 161 7.48 13.09 18.19
N ASP B 162 7.74 12.42 19.32
CA ASP B 162 8.96 12.64 20.10
C ASP B 162 10.05 11.72 19.57
N PRO B 163 11.07 12.26 18.87
CA PRO B 163 12.03 11.36 18.21
C PRO B 163 12.84 10.50 19.16
N ALA B 164 13.05 10.96 20.40
CA ALA B 164 13.85 10.19 21.36
C ALA B 164 13.20 8.87 21.72
N HIS B 165 11.88 8.78 21.56
CA HIS B 165 11.08 7.64 22.00
C HIS B 165 10.52 6.85 20.82
N SER B 166 11.22 6.86 19.68
CA SER B 166 10.76 6.24 18.44
C SER B 166 11.43 4.90 18.20
N LEU B 167 10.72 4.06 17.44
CA LEU B 167 11.27 2.81 16.92
C LEU B 167 11.82 3.08 15.52
N ASN B 168 13.14 3.07 15.36
N ASN B 168 13.14 3.00 15.38
CA ASN B 168 13.78 3.44 14.09
CA ASN B 168 13.85 3.37 14.15
C ASN B 168 13.97 2.21 13.21
C ASN B 168 13.98 2.17 13.22
N TYR B 169 12.83 1.63 12.82
CA TYR B 169 12.86 0.51 11.90
C TYR B 169 13.21 1.05 10.51
N THR B 170 13.65 0.15 9.64
CA THR B 170 13.97 0.53 8.27
C THR B 170 12.69 0.87 7.51
N VAL B 171 12.62 2.08 6.96
CA VAL B 171 11.40 2.49 6.26
C VAL B 171 11.27 1.72 4.94
N ILE B 172 10.13 1.07 4.76
CA ILE B 172 9.76 0.35 3.56
C ILE B 172 8.50 1.02 2.99
N ASN B 173 8.53 1.34 1.71
CA ASN B 173 7.35 2.00 1.14
C ASN B 173 7.30 1.66 -0.34
N PHE B 174 6.27 0.93 -0.75
CA PHE B 174 6.25 0.28 -2.04
C PHE B 174 5.98 1.27 -3.17
N LYS B 175 5.44 2.44 -2.84
CA LYS B 175 5.24 3.52 -3.82
C LYS B 175 6.13 4.68 -3.41
N SER B 176 7.45 4.50 -3.64
CA SER B 176 8.45 5.48 -3.25
C SER B 176 9.57 5.46 -4.28
N ARG B 177 10.32 6.55 -4.36
CA ARG B 177 11.41 6.59 -5.34
C ARG B 177 12.47 5.55 -5.01
N GLU B 178 12.74 5.33 -3.72
CA GLU B 178 13.68 4.28 -3.37
C GLU B 178 13.23 2.93 -3.90
N ALA B 179 11.93 2.70 -4.01
CA ALA B 179 11.46 1.38 -4.41
C ALA B 179 11.29 1.19 -5.91
N ILE B 180 11.25 2.29 -6.68
CA ILE B 180 10.84 2.23 -8.07
C ILE B 180 11.91 2.94 -8.89
N ARG B 181 12.63 2.18 -9.73
CA ARG B 181 13.61 2.73 -10.66
C ARG B 181 12.94 3.56 -11.74
N PRO B 182 13.30 4.82 -11.91
CA PRO B 182 12.84 5.57 -13.08
C PRO B 182 12.92 4.72 -14.34
N GLY B 183 11.82 4.55 -15.08
CA GLY B 183 11.86 3.74 -16.27
C GLY B 183 11.52 2.27 -16.10
N HIS B 184 11.52 1.76 -14.87
CA HIS B 184 11.03 0.41 -14.59
C HIS B 184 9.77 0.44 -13.75
N GLU B 185 8.96 1.49 -13.88
CA GLU B 185 7.84 1.70 -12.96
C GLU B 185 7.01 0.44 -12.79
N MET B 186 6.47 -0.07 -13.89
CA MET B 186 5.63 -1.25 -13.80
C MET B 186 6.45 -2.45 -13.36
N GLU B 187 7.65 -2.57 -13.92
CA GLU B 187 8.44 -3.76 -13.61
C GLU B 187 8.67 -3.84 -12.11
N ASP B 188 9.11 -2.73 -11.52
CA ASP B 188 9.50 -2.74 -10.11
C ASP B 188 8.29 -2.78 -9.19
N PHE B 189 7.13 -2.29 -9.62
CA PHE B 189 5.98 -2.30 -8.71
C PHE B 189 5.37 -3.68 -8.61
N LEU B 190 5.37 -4.42 -9.72
CA LEU B 190 4.78 -5.75 -9.74
C LEU B 190 5.75 -6.85 -9.35
N ASP B 191 7.06 -6.55 -9.33
CA ASP B 191 8.10 -7.51 -8.94
C ASP B 191 9.11 -6.73 -8.10
N LYS B 192 9.06 -6.90 -6.81
CA LYS B 192 9.87 -6.04 -5.97
C LYS B 192 11.30 -6.52 -5.81
N SER B 193 11.79 -7.40 -6.68
CA SER B 193 13.10 -8.03 -6.46
C SER B 193 14.22 -6.98 -6.41
N TYR B 194 14.15 -5.93 -7.23
N TYR B 194 14.15 -5.98 -7.28
N TYR B 194 14.15 -5.96 -7.24
CA TYR B 194 15.24 -4.97 -7.19
CA TYR B 194 15.12 -4.89 -7.25
CA TYR B 194 15.20 -4.94 -7.22
C TYR B 194 15.27 -4.20 -5.87
C TYR B 194 15.24 -4.31 -5.86
C TYR B 194 15.27 -4.27 -5.85
N TYR B 195 14.10 -3.90 -5.29
CA TYR B 195 14.05 -3.23 -4.01
C TYR B 195 14.50 -4.18 -2.89
N LEU B 196 14.08 -5.44 -2.95
CA LEU B 196 14.52 -6.41 -1.93
C LEU B 196 16.03 -6.61 -2.00
N ASN B 197 16.53 -7.02 -3.19
CA ASN B 197 17.89 -7.54 -3.29
C ASN B 197 18.94 -6.43 -3.40
N THR B 198 18.69 -5.41 -4.21
CA THR B 198 19.67 -4.35 -4.40
C THR B 198 19.56 -3.25 -3.35
N VAL B 199 18.37 -2.67 -3.18
CA VAL B 199 18.23 -1.55 -2.28
C VAL B 199 18.40 -2.00 -0.83
N MET B 200 17.64 -3.01 -0.41
CA MET B 200 17.57 -3.38 1.00
C MET B 200 18.64 -4.39 1.42
N LEU B 201 18.72 -5.53 0.73
CA LEU B 201 19.68 -6.56 1.15
C LEU B 201 21.12 -6.13 0.89
N GLN B 202 21.44 -5.76 -0.36
N GLN B 202 21.44 -5.76 -0.36
CA GLN B 202 22.80 -5.32 -0.65
CA GLN B 202 22.81 -5.33 -0.65
C GLN B 202 23.10 -3.96 -0.02
C GLN B 202 23.11 -3.96 -0.03
N GLY B 203 22.21 -3.00 -0.20
CA GLY B 203 22.47 -1.64 0.23
C GLY B 203 22.33 -1.29 1.68
N ILE B 204 21.24 -1.70 2.32
CA ILE B 204 20.87 -1.23 3.63
C ILE B 204 21.18 -2.22 4.71
N PHE B 205 20.67 -3.45 4.55
CA PHE B 205 20.85 -4.47 5.58
C PHE B 205 22.17 -5.21 5.44
N LYS B 206 22.76 -5.24 4.23
CA LYS B 206 24.06 -5.82 3.96
C LYS B 206 23.95 -7.33 3.78
N ASN B 207 23.13 -8.01 4.60
CA ASN B 207 22.90 -9.44 4.43
C ASN B 207 21.49 -9.78 4.91
N SER B 208 21.04 -10.98 4.54
CA SER B 208 19.71 -11.44 4.95
C SER B 208 19.59 -11.68 6.45
N SER B 209 20.68 -12.03 7.14
CA SER B 209 20.59 -12.22 8.59
C SER B 209 20.11 -10.96 9.30
N ASN B 210 20.68 -9.80 8.95
CA ASN B 210 20.25 -8.54 9.52
C ASN B 210 18.81 -8.20 9.14
N TYR B 211 18.41 -8.49 7.89
CA TYR B 211 17.01 -8.35 7.50
C TYR B 211 16.11 -9.23 8.36
N PHE B 212 16.48 -10.49 8.53
CA PHE B 212 15.64 -11.36 9.34
C PHE B 212 15.64 -10.93 10.78
N GLY B 213 16.76 -10.39 11.29
CA GLY B 213 16.76 -9.94 12.67
C GLY B 213 15.73 -8.84 12.90
N GLU B 214 15.67 -7.87 11.97
CA GLU B 214 14.70 -6.79 12.17
C GLU B 214 13.28 -7.32 12.05
N LEU B 215 13.04 -8.23 11.10
CA LEU B 215 11.71 -8.81 10.95
C LEU B 215 11.28 -9.52 12.22
N GLN B 216 12.20 -10.28 12.84
CA GLN B 216 11.85 -11.02 14.04
C GLN B 216 11.61 -10.09 15.21
N PHE B 217 12.44 -9.06 15.37
CA PHE B 217 12.26 -8.08 16.44
C PHE B 217 10.93 -7.32 16.30
N ALA B 218 10.59 -6.92 15.08
CA ALA B 218 9.31 -6.27 14.87
C ALA B 218 8.15 -7.20 15.29
N PHE B 219 8.22 -8.47 14.92
CA PHE B 219 7.15 -9.38 15.32
C PHE B 219 7.06 -9.44 16.83
N LEU B 220 8.19 -9.59 17.51
CA LEU B 220 8.16 -9.81 18.96
C LEU B 220 7.61 -8.58 19.68
N ASN B 221 7.92 -7.37 19.18
CA ASN B 221 7.36 -6.17 19.78
CA ASN B 221 7.37 -6.15 19.77
C ASN B 221 5.87 -6.07 19.52
N ALA B 222 5.43 -6.50 18.32
CA ALA B 222 4.00 -6.58 18.06
C ALA B 222 3.33 -7.54 19.04
N MET B 223 3.93 -8.72 19.22
CA MET B 223 3.30 -9.76 20.04
C MET B 223 3.32 -9.40 21.52
N PHE B 224 4.47 -8.96 22.02
CA PHE B 224 4.54 -8.79 23.45
C PHE B 224 3.99 -7.46 23.92
N PHE B 225 3.96 -6.42 23.07
CA PHE B 225 3.48 -5.11 23.51
C PHE B 225 2.29 -4.62 22.73
N GLY B 226 1.78 -5.39 21.78
CA GLY B 226 0.72 -4.86 20.93
C GLY B 226 1.12 -3.60 20.20
N ASN B 227 2.40 -3.45 19.90
CA ASN B 227 2.90 -2.26 19.22
C ASN B 227 2.47 -2.29 17.75
N TYR B 228 1.59 -1.34 17.39
CA TYR B 228 0.97 -1.34 16.08
C TYR B 228 1.98 -1.08 14.99
N GLY B 229 2.88 -0.12 15.19
CA GLY B 229 3.89 0.15 14.17
C GLY B 229 4.81 -1.02 13.91
N SER B 230 5.14 -1.75 14.97
CA SER B 230 5.97 -2.94 14.81
C SER B 230 5.25 -4.00 13.99
N SER B 231 3.94 -4.15 14.20
CA SER B 231 3.19 -5.10 13.38
C SER B 231 3.17 -4.67 11.92
N LEU B 232 2.95 -3.37 11.68
CA LEU B 232 3.06 -2.88 10.31
C LEU B 232 4.40 -3.26 9.68
N GLN B 233 5.47 -3.13 10.47
CA GLN B 233 6.81 -3.34 9.93
C GLN B 233 7.03 -4.81 9.64
N TRP B 234 6.63 -5.69 10.55
CA TRP B 234 6.71 -7.14 10.31
C TRP B 234 6.02 -7.51 9.00
N HIS B 235 4.79 -7.02 8.79
CA HIS B 235 4.07 -7.41 7.58
C HIS B 235 4.72 -6.85 6.34
N ALA B 236 5.23 -5.62 6.42
CA ALA B 236 5.90 -5.02 5.27
C ALA B 236 7.13 -5.80 4.89
N MET B 237 7.87 -6.30 5.90
CA MET B 237 9.09 -7.05 5.59
C MET B 237 8.77 -8.43 5.02
N ILE B 238 7.60 -8.97 5.35
CA ILE B 238 7.19 -10.23 4.76
C ILE B 238 6.76 -9.99 3.33
N GLU B 239 5.96 -8.95 3.14
CA GLU B 239 5.39 -8.71 1.82
C GLU B 239 6.49 -8.39 0.81
N LEU B 240 7.51 -7.62 1.22
CA LEU B 240 8.60 -7.34 0.28
C LEU B 240 9.26 -8.62 -0.22
N ILE B 241 9.43 -9.63 0.65
CA ILE B 241 10.00 -10.88 0.17
C ILE B 241 9.00 -11.61 -0.70
N CYS B 242 7.75 -11.70 -0.28
CA CYS B 242 6.81 -12.55 -1.00
C CYS B 242 6.50 -11.98 -2.38
N SER B 243 6.58 -10.67 -2.51
CA SER B 243 6.27 -9.98 -3.77
C SER B 243 7.49 -9.77 -4.65
N SER B 244 8.59 -10.44 -4.35
CA SER B 244 9.78 -10.43 -5.20
C SER B 244 9.86 -11.74 -5.96
N ALA B 245 9.98 -11.66 -7.30
CA ALA B 245 10.09 -12.88 -8.07
C ALA B 245 11.41 -13.60 -7.82
N THR B 246 12.44 -12.88 -7.42
CA THR B 246 13.79 -13.43 -7.33
C THR B 246 14.27 -13.29 -5.90
N VAL B 247 14.31 -14.41 -5.19
CA VAL B 247 14.75 -14.42 -3.81
C VAL B 247 15.75 -15.56 -3.65
N PRO B 248 16.94 -15.31 -3.10
CA PRO B 248 17.84 -16.41 -2.74
C PRO B 248 17.13 -17.60 -2.11
N LYS B 249 17.43 -18.79 -2.62
CA LYS B 249 16.75 -19.98 -2.17
C LYS B 249 16.90 -20.18 -0.66
N HIS B 250 18.01 -19.71 -0.10
CA HIS B 250 18.26 -19.95 1.31
C HIS B 250 17.39 -19.05 2.15
N MET B 251 17.13 -17.84 1.65
CA MET B 251 16.24 -16.94 2.34
C MET B 251 14.81 -17.48 2.37
N LEU B 252 14.35 -18.05 1.25
CA LEU B 252 12.97 -18.54 1.20
C LEU B 252 12.78 -19.66 2.20
N ASP B 253 13.71 -20.61 2.21
CA ASP B 253 13.60 -21.71 3.16
C ASP B 253 13.63 -21.18 4.59
N LYS B 254 14.52 -20.25 4.90
CA LYS B 254 14.58 -19.78 6.28
C LYS B 254 13.36 -18.94 6.62
N LEU B 255 12.85 -18.14 5.67
CA LEU B 255 11.64 -17.36 5.96
C LEU B 255 10.50 -18.28 6.36
N ASP B 256 10.39 -19.44 5.69
CA ASP B 256 9.31 -20.35 6.08
C ASP B 256 9.44 -20.78 7.54
N GLU B 257 10.66 -21.11 7.97
CA GLU B 257 10.90 -21.51 9.36
C GLU B 257 10.58 -20.37 10.31
N ILE B 258 10.96 -19.16 9.93
CA ILE B 258 10.76 -18.01 10.79
C ILE B 258 9.30 -17.78 11.04
N LEU B 259 8.53 -17.69 9.96
CA LEU B 259 7.11 -17.37 10.11
C LEU B 259 6.38 -18.50 10.80
N TYR B 260 6.78 -19.74 10.51
CA TYR B 260 6.19 -20.91 11.15
C TYR B 260 6.18 -20.73 12.66
N TYR B 261 7.34 -20.44 13.24
CA TYR B 261 7.42 -20.32 14.68
C TYR B 261 6.73 -19.06 15.21
N GLN B 262 6.64 -18.00 14.41
CA GLN B 262 5.92 -16.81 14.85
C GLN B 262 4.43 -17.11 14.91
N ILE B 263 3.89 -17.72 13.86
CA ILE B 263 2.47 -18.06 13.90
C ILE B 263 2.23 -19.11 14.99
N LYS B 264 3.19 -20.03 15.18
CA LYS B 264 2.96 -21.04 16.20
C LYS B 264 2.90 -20.41 17.59
N THR B 265 3.63 -19.31 17.81
CA THR B 265 3.74 -18.74 19.15
C THR B 265 2.65 -17.72 19.45
N LEU B 266 1.99 -17.20 18.42
CA LEU B 266 0.97 -16.17 18.61
C LEU B 266 -0.19 -16.66 19.45
N PRO B 267 -0.64 -15.89 20.44
CA PRO B 267 -1.88 -16.23 21.16
C PRO B 267 -3.05 -16.42 20.21
N GLU B 268 -3.79 -17.51 20.40
CA GLU B 268 -4.90 -17.84 19.52
C GLU B 268 -5.97 -16.75 19.50
N GLN B 269 -6.01 -15.93 20.54
CA GLN B 269 -7.06 -14.93 20.69
C GLN B 269 -6.63 -13.54 20.20
N TYR B 270 -5.50 -13.46 19.50
CA TYR B 270 -4.98 -12.18 19.04
C TYR B 270 -4.86 -12.10 17.53
N SER B 271 -5.18 -13.17 16.81
CA SER B 271 -5.02 -13.17 15.36
C SER B 271 -5.85 -12.07 14.69
N ASP B 272 -6.86 -11.55 15.38
CA ASP B 272 -7.73 -10.54 14.78
C ASP B 272 -7.01 -9.21 14.58
N ILE B 273 -6.07 -8.85 15.44
CA ILE B 273 -5.43 -7.54 15.44
C ILE B 273 -4.01 -7.60 14.90
N LEU B 274 -3.28 -8.68 15.19
CA LEU B 274 -1.89 -8.79 14.82
C LEU B 274 -1.65 -9.42 13.46
N LEU B 275 -2.69 -9.88 12.78
CA LEU B 275 -2.53 -10.54 11.49
C LEU B 275 -3.32 -9.76 10.46
N ASN B 276 -2.64 -9.37 9.39
CA ASN B 276 -3.23 -8.53 8.35
C ASN B 276 -3.74 -9.44 7.23
N GLU B 277 -5.06 -9.51 7.08
CA GLU B 277 -5.69 -10.38 6.08
C GLU B 277 -5.00 -10.24 4.72
N ARG B 278 -4.90 -9.02 4.22
CA ARG B 278 -4.47 -8.82 2.84
C ARG B 278 -3.06 -9.34 2.62
N VAL B 279 -2.16 -9.06 3.56
CA VAL B 279 -0.78 -9.48 3.38
C VAL B 279 -0.69 -11.01 3.33
N TRP B 280 -1.36 -11.68 4.27
CA TRP B 280 -1.21 -13.14 4.37
C TRP B 280 -1.89 -13.83 3.20
N ASN B 281 -3.07 -13.36 2.81
CA ASN B 281 -3.73 -13.94 1.63
C ASN B 281 -2.93 -13.69 0.37
N ILE B 282 -2.39 -12.48 0.19
CA ILE B 282 -1.49 -12.25 -0.92
C ILE B 282 -0.25 -13.14 -0.80
N CYS B 283 0.35 -13.19 0.39
CA CYS B 283 1.64 -13.87 0.50
C CYS B 283 1.49 -15.37 0.31
N LEU B 284 0.44 -15.97 0.86
CA LEU B 284 0.32 -17.42 0.80
C LEU B 284 -0.32 -17.94 -0.48
N TYR B 285 -1.05 -17.09 -1.20
CA TYR B 285 -1.95 -17.57 -2.25
C TYR B 285 -1.85 -16.84 -3.59
N SER B 286 -1.16 -15.69 -3.67
CA SER B 286 -1.04 -14.96 -4.94
C SER B 286 0.39 -14.60 -5.31
N SER B 287 1.23 -14.28 -4.33
CA SER B 287 2.55 -13.72 -4.63
C SER B 287 3.43 -14.74 -5.34
N PHE B 288 4.61 -14.25 -5.73
CA PHE B 288 5.60 -15.09 -6.39
C PHE B 288 5.95 -16.31 -5.56
N GLN B 289 5.87 -16.18 -4.24
CA GLN B 289 6.32 -17.21 -3.33
C GLN B 289 5.15 -17.96 -2.70
N LYS B 290 3.99 -17.93 -3.36
CA LYS B 290 2.80 -18.60 -2.84
C LYS B 290 3.05 -20.06 -2.52
N ASN B 291 4.01 -20.69 -3.19
CA ASN B 291 4.26 -22.12 -3.07
C ASN B 291 5.54 -22.42 -2.32
N SER B 292 6.23 -21.41 -1.80
CA SER B 292 7.52 -21.58 -1.16
C SER B 292 7.45 -21.51 0.37
N LEU B 293 6.24 -21.50 0.95
CA LEU B 293 6.07 -21.36 2.40
C LEU B 293 5.17 -22.49 2.91
N HIS B 294 5.60 -23.73 2.67
CA HIS B 294 4.74 -24.87 2.99
C HIS B 294 4.47 -24.95 4.50
N ASN B 295 5.52 -24.85 5.32
CA ASN B 295 5.28 -24.99 6.75
C ASN B 295 4.42 -23.86 7.29
N THR B 296 4.69 -22.62 6.86
CA THR B 296 3.89 -21.49 7.32
C THR B 296 2.46 -21.60 6.81
N GLU B 297 2.29 -21.93 5.53
CA GLU B 297 0.95 -22.11 4.99
C GLU B 297 0.21 -23.21 5.75
N LYS B 298 0.91 -24.30 6.06
CA LYS B 298 0.26 -25.41 6.75
C LYS B 298 -0.28 -24.99 8.11
N ILE B 299 0.53 -24.29 8.92
CA ILE B 299 0.07 -23.96 10.26
C ILE B 299 -0.93 -22.80 10.22
N MET B 300 -0.84 -21.92 9.22
CA MET B 300 -1.83 -20.86 9.09
C MET B 300 -3.21 -21.45 8.79
N GLU B 301 -3.25 -22.49 7.96
CA GLU B 301 -4.50 -23.10 7.55
C GLU B 301 -5.12 -23.95 8.65
N ASN B 302 -4.31 -24.69 9.41
CA ASN B 302 -4.87 -25.49 10.50
C ASN B 302 -5.19 -24.67 11.74
N LYS B 303 -4.79 -23.40 11.79
CA LYS B 303 -4.90 -22.63 13.03
C LYS B 303 -5.68 -21.34 12.85
N TYR B 304 -5.59 -20.72 11.67
CA TYR B 304 -6.38 -19.53 11.40
C TYR B 304 -7.04 -19.57 10.03
N PRO B 305 -7.77 -20.63 9.70
CA PRO B 305 -8.45 -20.66 8.40
C PRO B 305 -9.55 -19.60 8.26
N GLU B 306 -9.94 -18.93 9.36
CA GLU B 306 -10.96 -17.89 9.27
C GLU B 306 -10.44 -16.68 8.50
N LEU B 307 -9.27 -16.18 8.91
CA LEU B 307 -8.67 -15.02 8.27
C LEU B 307 -8.61 -15.19 6.75
N LEU B 308 -8.30 -16.39 6.28
CA LEU B 308 -8.11 -16.64 4.86
C LEU B 308 -9.44 -16.92 4.16
C7 VEC C . 19.83 -6.46 42.75
C8 VEC C . 21.06 -6.29 42.15
C9 VEC C . 21.86 -5.24 42.57
O1 VEC C . 18.93 -3.57 49.57
C1 VEC C . 20.35 -3.98 47.51
C5 VEC C . 20.21 -4.53 44.14
C6 VEC C . 19.40 -5.60 43.73
C4 VEC C . 19.71 -3.57 45.16
C3 VEC C . 18.24 -4.75 49.30
O3 VEC C . 23.03 -5.15 41.94
C2 VEC C . 19.94 -3.19 48.74
O2 VEC C . 19.63 -2.38 44.92
N VEC C . 19.33 -4.06 46.45
O VEC C . 20.49 -2.17 49.11
C VEC C . 18.45 -5.23 46.49
C10 VEC C . 21.46 -4.35 43.56
#